data_5IEX
#
_entry.id   5IEX
#
_cell.length_a   53.423
_cell.length_b   71.938
_cell.length_c   72.554
_cell.angle_alpha   90.00
_cell.angle_beta   90.00
_cell.angle_gamma   90.00
#
_symmetry.space_group_name_H-M   'P 21 21 21'
#
loop_
_entity.id
_entity.type
_entity.pdbx_description
1 polymer 'Cyclin-dependent kinase 2'
2 non-polymer (2R,3R)-3-[(5-bromo-2-{[4-(S-cyclopropylsulfonimidoyl)phenyl]amino}pyrimidin-4-yl)oxy]butan-2-ol
3 water water
#
_entity_poly.entity_id   1
_entity_poly.type   'polypeptide(L)'
_entity_poly.pdbx_seq_one_letter_code
;MENFQKVEKIGEGTYGVVYKARNKLTGEVVALKKIRLDTETEGVPSTAIREISLLKELNHPNIVKLLDVIHTENKLYLVF
EFLHQDLKKFMDASALTGIPLPLIKSYLFQLLQGLAFCHSHRVLHRDLKPQNLLINTEGAIKLADFGLARAFGVPVRTYT
HEVVTLWYRAPEILLGCKYYSTAVDIWSLGCIFAEMVTRRALFPGDSEIDQLFRIFRTLGTPDEVVWPGVTSMPDYKPSF
PKWARQDFSKVVPPLDEDGRSLLSQMLHYDPNKRISAKAALAHPFFQDVTKPVPHLRL
;
_entity_poly.pdbx_strand_id   A
#
loop_
_chem_comp.id
_chem_comp.type
_chem_comp.name
_chem_comp.formula
6AF non-polymer (2R,3R)-3-[(5-bromo-2-{[4-(S-cyclopropylsulfonimidoyl)phenyl]amino}pyrimidin-4-yl)oxy]butan-2-ol 'C17 H21 Br N4 O3 S'
#
# COMPACT_ATOMS: atom_id res chain seq x y z
N MET A 1 8.81 4.37 -26.66
CA MET A 1 7.98 3.17 -26.88
C MET A 1 8.54 2.29 -28.02
N GLU A 2 9.20 2.90 -29.01
CA GLU A 2 9.77 2.11 -30.12
C GLU A 2 10.99 1.33 -29.69
N ASN A 3 11.62 1.78 -28.61
CA ASN A 3 12.66 0.98 -27.97
C ASN A 3 12.15 -0.25 -27.18
N PHE A 4 10.83 -0.38 -27.02
CA PHE A 4 10.25 -1.45 -26.18
C PHE A 4 9.25 -2.30 -26.93
N GLN A 5 9.33 -3.60 -26.72
CA GLN A 5 8.43 -4.57 -27.30
C GLN A 5 7.51 -5.06 -26.18
N LYS A 6 6.23 -4.75 -26.31
CA LYS A 6 5.25 -5.16 -25.32
C LYS A 6 5.11 -6.65 -25.36
N VAL A 7 5.02 -7.25 -24.18
CA VAL A 7 4.91 -8.71 -24.06
C VAL A 7 3.48 -9.00 -23.59
N GLU A 8 3.06 -8.44 -22.46
CA GLU A 8 1.68 -8.58 -22.02
C GLU A 8 1.27 -7.49 -21.08
N LYS A 9 -0.03 -7.26 -21.03
CA LYS A 9 -0.62 -6.27 -20.19
C LYS A 9 -0.71 -6.91 -18.82
N ILE A 10 -0.16 -6.27 -17.79
CA ILE A 10 -0.10 -6.86 -16.44
C ILE A 10 -0.90 -6.08 -15.42
N GLY A 11 -1.48 -4.95 -15.84
CA GLY A 11 -2.23 -4.10 -14.93
C GLY A 11 -2.90 -2.94 -15.62
N GLU A 12 -3.88 -2.35 -14.93
CA GLU A 12 -4.49 -1.10 -15.33
C GLU A 12 -5.17 -0.44 -14.12
N GLY A 13 -5.33 0.88 -14.20
CA GLY A 13 -6.08 1.64 -13.22
C GLY A 13 -5.94 3.14 -13.37
N THR A 14 -5.57 3.79 -12.26
CA THR A 14 -5.42 5.24 -12.14
C THR A 14 -4.62 5.82 -13.31
N TYR A 15 -3.36 5.38 -13.39
CA TYR A 15 -2.35 5.92 -14.28
C TYR A 15 -2.35 5.20 -15.61
N GLY A 16 -3.41 4.48 -15.91
CA GLY A 16 -3.50 3.81 -17.18
C GLY A 16 -2.88 2.44 -17.11
N VAL A 17 -2.30 2.04 -18.23
CA VAL A 17 -2.00 0.64 -18.49
C VAL A 17 -0.55 0.38 -18.16
N VAL A 18 -0.30 -0.83 -17.65
CA VAL A 18 1.03 -1.33 -17.37
C VAL A 18 1.30 -2.60 -18.15
N TYR A 19 2.40 -2.59 -18.90
CA TYR A 19 2.89 -3.73 -19.70
C TYR A 19 4.19 -4.31 -19.17
N LYS A 20 4.29 -5.63 -19.16
CA LYS A 20 5.57 -6.31 -19.24
C LYS A 20 6.10 -6.10 -20.68
N ALA A 21 7.39 -5.73 -20.77
CA ALA A 21 8.01 -5.29 -22.02
C ALA A 21 9.49 -5.67 -22.05
N ARG A 22 10.03 -5.78 -23.25
CA ARG A 22 11.47 -6.03 -23.39
C ARG A 22 12.10 -4.84 -24.09
N ASN A 23 13.25 -4.39 -23.59
CA ASN A 23 13.98 -3.33 -24.26
C ASN A 23 14.60 -3.88 -25.58
N LYS A 24 14.01 -3.50 -26.71
CA LYS A 24 14.33 -4.15 -28.01
C LYS A 24 15.80 -4.36 -28.29
N LEU A 25 16.65 -3.51 -27.72
CA LEU A 25 18.09 -3.62 -27.96
C LEU A 25 18.96 -4.04 -26.74
N THR A 26 18.61 -3.70 -25.51
CA THR A 26 19.37 -4.28 -24.37
C THR A 26 18.93 -5.71 -24.02
N GLY A 27 17.69 -6.07 -24.35
CA GLY A 27 17.13 -7.34 -23.93
C GLY A 27 16.56 -7.31 -22.51
N GLU A 28 16.70 -6.22 -21.79
CA GLU A 28 16.19 -6.18 -20.42
C GLU A 28 14.65 -6.32 -20.45
N VAL A 29 14.12 -7.06 -19.49
CA VAL A 29 12.67 -7.24 -19.31
C VAL A 29 12.24 -6.31 -18.15
N VAL A 30 11.24 -5.47 -18.41
CA VAL A 30 10.84 -4.38 -17.54
C VAL A 30 9.28 -4.32 -17.46
N ALA A 31 8.82 -3.46 -16.55
CA ALA A 31 7.45 -3.04 -16.48
C ALA A 31 7.34 -1.63 -16.99
N LEU A 32 6.48 -1.45 -17.98
CA LEU A 32 6.35 -0.16 -18.64
C LEU A 32 5.00 0.44 -18.33
N LYS A 33 5.01 1.67 -17.85
CA LYS A 33 3.78 2.32 -17.47
C LYS A 33 3.58 3.54 -18.34
N LYS A 34 2.48 3.56 -19.11
CA LYS A 34 2.10 4.72 -19.88
C LYS A 34 1.17 5.58 -19.03
N ILE A 35 1.53 6.84 -18.81
CA ILE A 35 0.73 7.69 -17.95
C ILE A 35 -0.43 8.28 -18.74
N ARG A 36 -1.57 8.40 -18.06
CA ARG A 36 -2.84 8.69 -18.70
C ARG A 36 -3.04 10.18 -18.96
N LEU A 37 -2.96 10.57 -20.25
CA LEU A 37 -3.24 11.94 -20.70
C LEU A 37 -4.23 11.87 -21.88
N GLY A 43 1.02 19.50 -22.63
CA GLY A 43 1.81 18.29 -22.44
C GLY A 43 1.68 17.81 -21.01
N VAL A 44 2.71 17.13 -20.53
CA VAL A 44 2.79 16.70 -19.12
C VAL A 44 3.20 17.90 -18.26
N PRO A 45 2.42 18.25 -17.21
CA PRO A 45 2.80 19.45 -16.43
C PRO A 45 4.22 19.37 -15.88
N SER A 46 4.93 20.49 -15.87
CA SER A 46 6.34 20.44 -15.49
C SER A 46 6.55 19.98 -14.05
N THR A 47 5.65 20.34 -13.11
CA THR A 47 5.80 19.90 -11.71
C THR A 47 5.80 18.37 -11.58
N ALA A 48 5.00 17.71 -12.42
CA ALA A 48 4.97 16.27 -12.46
C ALA A 48 6.32 15.69 -12.94
N ILE A 49 6.96 16.35 -13.91
CA ILE A 49 8.28 15.90 -14.37
C ILE A 49 9.35 16.03 -13.30
N ARG A 50 9.35 17.15 -12.59
CA ARG A 50 10.37 17.36 -11.54
C ARG A 50 10.18 16.35 -10.43
N GLU A 51 8.95 16.14 -10.01
CA GLU A 51 8.70 15.28 -8.90
C GLU A 51 9.06 13.83 -9.25
N ILE A 52 8.61 13.35 -10.40
CA ILE A 52 8.99 11.98 -10.83
C ILE A 52 10.51 11.81 -10.95
N SER A 53 11.21 12.85 -11.39
CA SER A 53 12.68 12.81 -11.42
C SER A 53 13.27 12.64 -10.01
N LEU A 54 12.72 13.31 -9.00
CA LEU A 54 13.14 13.07 -7.63
C LEU A 54 12.91 11.60 -7.20
N LEU A 55 11.76 11.03 -7.56
CA LEU A 55 11.47 9.63 -7.22
C LEU A 55 12.46 8.61 -7.80
N LYS A 56 12.99 8.91 -8.96
CA LYS A 56 14.00 8.06 -9.63
C LYS A 56 15.26 7.88 -8.78
N GLU A 57 15.60 8.92 -8.00
CA GLU A 57 16.75 8.90 -7.09
C GLU A 57 16.54 7.86 -6.01
N LEU A 58 15.29 7.72 -5.60
CA LEU A 58 14.88 7.08 -4.38
C LEU A 58 15.03 5.54 -4.43
N ASN A 59 16.24 5.04 -4.17
CA ASN A 59 16.52 3.59 -4.21
C ASN A 59 16.56 2.89 -2.83
N HIS A 60 15.93 1.73 -2.71
CA HIS A 60 15.85 0.97 -1.48
C HIS A 60 15.43 -0.42 -1.91
N PRO A 61 15.90 -1.46 -1.22
CA PRO A 61 15.59 -2.83 -1.60
C PRO A 61 14.11 -3.21 -1.58
N ASN A 62 13.27 -2.50 -0.80
CA ASN A 62 11.82 -2.81 -0.74
C ASN A 62 10.95 -1.80 -1.45
N ILE A 63 11.55 -1.09 -2.44
CA ILE A 63 10.87 -0.15 -3.32
C ILE A 63 11.18 -0.52 -4.77
N VAL A 64 10.14 -0.66 -5.59
CA VAL A 64 10.33 -1.03 -7.00
C VAL A 64 11.17 0.04 -7.67
N LYS A 65 12.32 -0.35 -8.18
CA LYS A 65 13.20 0.61 -8.81
C LYS A 65 12.58 1.23 -10.05
N LEU A 66 12.59 2.56 -10.09
CA LEU A 66 12.18 3.30 -11.27
C LEU A 66 13.40 3.53 -12.15
N LEU A 67 13.52 2.74 -13.21
CA LEU A 67 14.75 2.68 -14.00
C LEU A 67 14.94 3.90 -14.90
N ASP A 68 13.84 4.32 -15.53
CA ASP A 68 13.89 5.38 -16.54
C ASP A 68 12.57 6.15 -16.60
N VAL A 69 12.65 7.46 -16.71
CA VAL A 69 11.53 8.32 -17.06
C VAL A 69 11.65 8.75 -18.54
N ILE A 70 10.65 8.44 -19.34
CA ILE A 70 10.71 8.76 -20.75
C ILE A 70 9.57 9.69 -21.03
N HIS A 71 9.95 10.92 -21.32
CA HIS A 71 9.02 11.96 -21.65
C HIS A 71 9.23 12.33 -23.11
N THR A 72 8.33 11.90 -23.97
CA THR A 72 8.48 12.12 -25.41
C THR A 72 7.11 12.17 -26.06
N GLU A 73 7.09 12.83 -27.21
CA GLU A 73 5.89 13.10 -27.99
C GLU A 73 4.81 13.59 -27.00
N ASN A 74 5.25 14.49 -26.10
CA ASN A 74 4.49 15.00 -24.94
C ASN A 74 3.64 14.03 -24.11
N LYS A 75 4.06 12.77 -24.08
CA LYS A 75 3.49 11.75 -23.21
C LYS A 75 4.54 11.36 -22.16
N LEU A 76 4.09 10.72 -21.07
CA LEU A 76 5.00 10.21 -20.05
C LEU A 76 4.95 8.69 -19.90
N TYR A 77 6.07 8.03 -20.21
CA TYR A 77 6.26 6.62 -19.90
C TYR A 77 7.21 6.44 -18.69
N LEU A 78 6.89 5.49 -17.81
CA LEU A 78 7.75 5.16 -16.69
C LEU A 78 8.22 3.73 -16.86
N VAL A 79 9.52 3.52 -16.73
CA VAL A 79 10.11 2.19 -16.86
C VAL A 79 10.56 1.69 -15.52
N PHE A 80 9.95 0.63 -15.04
CA PHE A 80 10.21 0.08 -13.70
C PHE A 80 10.90 -1.27 -13.84
N GLU A 81 11.62 -1.69 -12.80
CA GLU A 81 12.06 -3.09 -12.69
C GLU A 81 10.84 -3.99 -12.63
N PHE A 82 10.96 -5.14 -13.27
CA PHE A 82 9.90 -6.13 -13.31
C PHE A 82 10.06 -7.16 -12.19
N LEU A 83 9.02 -7.37 -11.39
CA LEU A 83 8.89 -8.47 -10.43
C LEU A 83 7.85 -9.43 -11.00
N HIS A 84 7.87 -10.69 -10.59
N HIS A 84 7.82 -10.65 -10.49
CA HIS A 84 7.08 -11.71 -11.32
CA HIS A 84 7.17 -11.74 -11.22
C HIS A 84 5.70 -12.00 -10.83
C HIS A 84 5.78 -12.10 -10.76
N GLN A 85 5.38 -11.59 -9.60
CA GLN A 85 4.01 -11.76 -9.11
C GLN A 85 3.63 -10.63 -8.14
N ASP A 86 2.34 -10.32 -8.06
CA ASP A 86 1.84 -9.35 -7.04
C ASP A 86 1.29 -10.08 -5.83
N LEU A 87 1.14 -9.38 -4.71
CA LEU A 87 0.62 -10.01 -3.50
C LEU A 87 -0.82 -10.57 -3.59
N LYS A 88 -1.68 -9.89 -4.34
CA LYS A 88 -3.03 -10.38 -4.59
C LYS A 88 -3.03 -11.78 -5.21
N LYS A 89 -2.41 -11.93 -6.40
CA LYS A 89 -2.31 -13.29 -6.99
C LYS A 89 -1.71 -14.32 -6.01
N PHE A 90 -0.65 -13.94 -5.31
CA PHE A 90 -0.08 -14.83 -4.31
C PHE A 90 -1.05 -15.17 -3.17
N MET A 91 -1.78 -14.20 -2.65
CA MET A 91 -2.81 -14.50 -1.63
C MET A 91 -3.90 -15.41 -2.19
N ASP A 92 -4.36 -15.16 -3.41
CA ASP A 92 -5.35 -16.07 -4.04
C ASP A 92 -4.87 -17.48 -4.22
N ALA A 93 -3.60 -17.65 -4.54
CA ALA A 93 -3.06 -18.99 -4.78
C ALA A 93 -2.83 -19.72 -3.48
N SER A 94 -2.57 -19.00 -2.40
CA SER A 94 -2.35 -19.57 -1.08
C SER A 94 -3.65 -19.66 -0.28
N ALA A 95 -4.81 -19.39 -0.89
CA ALA A 95 -6.06 -19.22 -0.12
C ALA A 95 -6.53 -20.49 0.60
N LEU A 96 -6.12 -21.65 0.12
CA LEU A 96 -6.54 -22.87 0.74
C LEU A 96 -5.74 -23.16 2.01
N THR A 97 -4.44 -22.95 1.98
CA THR A 97 -3.55 -23.16 3.14
C THR A 97 -3.36 -21.91 3.97
N GLY A 98 -3.39 -20.76 3.30
CA GLY A 98 -2.91 -19.53 3.93
C GLY A 98 -1.40 -19.37 3.77
N ILE A 99 -0.93 -18.15 3.72
CA ILE A 99 0.51 -17.91 3.75
C ILE A 99 1.03 -18.20 5.18
N PRO A 100 2.12 -18.99 5.29
CA PRO A 100 2.67 -19.26 6.63
C PRO A 100 2.95 -17.98 7.41
N LEU A 101 2.73 -17.98 8.72
CA LEU A 101 2.97 -16.82 9.54
C LEU A 101 4.40 -16.29 9.38
N PRO A 102 5.42 -17.17 9.28
CA PRO A 102 6.75 -16.52 9.19
C PRO A 102 6.95 -15.75 7.92
N LEU A 103 6.24 -16.10 6.85
CA LEU A 103 6.38 -15.36 5.57
C LEU A 103 5.58 -14.06 5.60
N ILE A 104 4.41 -14.11 6.23
CA ILE A 104 3.64 -12.91 6.53
C ILE A 104 4.53 -11.96 7.32
N LYS A 105 5.20 -12.48 8.35
CA LYS A 105 5.99 -11.60 9.23
C LYS A 105 7.14 -10.96 8.47
N SER A 106 7.87 -11.75 7.68
CA SER A 106 8.87 -11.22 6.75
C SER A 106 8.36 -10.10 5.83
N TYR A 107 7.21 -10.35 5.23
CA TYR A 107 6.66 -9.46 4.29
C TYR A 107 6.26 -8.19 4.97
N LEU A 108 5.67 -8.28 6.16
CA LEU A 108 5.33 -7.07 6.91
C LEU A 108 6.61 -6.26 7.28
N PHE A 109 7.58 -6.96 7.81
CA PHE A 109 8.87 -6.32 8.20
C PHE A 109 9.48 -5.53 7.06
N GLN A 110 9.66 -6.17 5.90
CA GLN A 110 10.22 -5.52 4.75
C GLN A 110 9.38 -4.37 4.23
N LEU A 111 8.05 -4.58 4.19
CA LEU A 111 7.18 -3.54 3.76
C LEU A 111 7.31 -2.31 4.69
N LEU A 112 7.36 -2.51 6.02
CA LEU A 112 7.63 -1.39 6.95
C LEU A 112 9.00 -0.75 6.75
N GLN A 113 10.00 -1.55 6.36
CA GLN A 113 11.30 -0.98 5.94
C GLN A 113 11.20 -0.01 4.78
N GLY A 114 10.40 -0.42 3.78
CA GLY A 114 10.12 0.40 2.59
C GLY A 114 9.42 1.72 2.95
N LEU A 115 8.38 1.61 3.77
CA LEU A 115 7.68 2.84 4.27
C LEU A 115 8.58 3.72 5.12
N ALA A 116 9.26 3.13 6.10
CA ALA A 116 10.23 3.89 6.91
C ALA A 116 11.14 4.77 6.04
N PHE A 117 11.82 4.12 5.07
CA PHE A 117 12.63 4.80 4.09
C PHE A 117 11.89 5.93 3.38
N CYS A 118 10.76 5.63 2.73
CA CYS A 118 10.09 6.65 1.95
CA CYS A 118 10.04 6.64 1.96
C CYS A 118 9.58 7.76 2.84
N HIS A 119 9.00 7.39 3.97
CA HIS A 119 8.60 8.38 4.96
C HIS A 119 9.74 9.25 5.46
N SER A 120 10.94 8.71 5.65
CA SER A 120 12.06 9.59 6.09
C SER A 120 12.40 10.64 5.05
N HIS A 121 12.11 10.37 3.78
CA HIS A 121 12.24 11.35 2.68
C HIS A 121 10.97 12.11 2.43
N ARG A 122 10.01 12.01 3.34
CA ARG A 122 8.73 12.72 3.20
C ARG A 122 7.95 12.34 1.91
N VAL A 123 8.04 11.08 1.52
CA VAL A 123 7.37 10.57 0.35
C VAL A 123 6.29 9.67 0.82
N LEU A 124 5.10 9.82 0.25
CA LEU A 124 3.91 9.13 0.69
C LEU A 124 3.42 8.24 -0.45
N HIS A 125 2.92 7.04 -0.14
CA HIS A 125 2.28 6.21 -1.16
C HIS A 125 0.83 6.71 -1.38
N ARG A 126 -0.01 6.58 -0.36
CA ARG A 126 -1.44 7.00 -0.40
C ARG A 126 -2.45 5.99 -0.97
N ASP A 127 -2.00 5.12 -1.85
CA ASP A 127 -2.92 4.13 -2.44
CA ASP A 127 -2.89 4.16 -2.49
C ASP A 127 -2.39 2.72 -2.31
N LEU A 128 -1.99 2.35 -1.11
CA LEU A 128 -1.51 0.96 -0.95
C LEU A 128 -2.62 -0.07 -1.09
N LYS A 129 -2.25 -1.14 -1.78
CA LYS A 129 -3.13 -2.25 -1.92
C LYS A 129 -2.33 -3.49 -2.32
N PRO A 130 -2.89 -4.70 -2.13
CA PRO A 130 -2.18 -5.95 -2.55
C PRO A 130 -1.58 -5.93 -4.01
N GLN A 131 -2.28 -5.29 -4.95
CA GLN A 131 -1.80 -5.21 -6.35
CA GLN A 131 -1.85 -5.17 -6.34
C GLN A 131 -0.61 -4.28 -6.53
N ASN A 132 -0.31 -3.45 -5.52
CA ASN A 132 0.89 -2.58 -5.50
C ASN A 132 2.09 -3.18 -4.77
N LEU A 133 1.95 -4.40 -4.24
CA LEU A 133 2.99 -5.03 -3.46
C LEU A 133 3.46 -6.21 -4.29
N LEU A 134 4.77 -6.23 -4.59
CA LEU A 134 5.33 -7.17 -5.59
C LEU A 134 6.40 -8.08 -5.00
N ILE A 135 6.32 -9.35 -5.35
CA ILE A 135 7.23 -10.34 -4.81
C ILE A 135 8.10 -11.03 -5.87
N ASN A 136 9.19 -11.59 -5.36
CA ASN A 136 10.08 -12.38 -6.17
C ASN A 136 10.35 -13.71 -5.54
N THR A 137 11.06 -14.55 -6.28
CA THR A 137 11.31 -15.90 -5.84
C THR A 137 12.24 -15.96 -4.65
N GLU A 138 12.97 -14.88 -4.40
CA GLU A 138 13.96 -14.81 -3.36
C GLU A 138 13.40 -14.44 -1.94
N GLY A 139 12.12 -14.16 -1.80
CA GLY A 139 11.50 -13.87 -0.47
C GLY A 139 11.39 -12.41 -0.18
N ALA A 140 11.70 -11.60 -1.19
CA ALA A 140 11.57 -10.18 -1.11
C ALA A 140 10.15 -9.71 -1.56
N ILE A 141 9.77 -8.55 -1.07
CA ILE A 141 8.52 -7.89 -1.42
C ILE A 141 8.85 -6.40 -1.46
N LYS A 142 8.28 -5.71 -2.43
CA LYS A 142 8.54 -4.29 -2.64
C LYS A 142 7.24 -3.55 -2.92
N LEU A 143 7.25 -2.29 -2.54
CA LEU A 143 6.18 -1.37 -2.87
C LEU A 143 6.37 -0.78 -4.26
N ALA A 144 5.31 -0.81 -5.08
CA ALA A 144 5.22 -0.14 -6.40
C ALA A 144 4.32 1.11 -6.32
N ASP A 145 4.60 2.14 -7.15
CA ASP A 145 3.86 3.46 -7.22
C ASP A 145 4.01 4.45 -6.08
N PHE A 146 5.09 4.36 -5.31
CA PHE A 146 5.31 5.30 -4.24
C PHE A 146 5.44 6.68 -4.83
N GLY A 147 4.79 7.69 -4.22
CA GLY A 147 4.94 9.10 -4.66
C GLY A 147 4.23 9.48 -5.97
N LEU A 148 3.72 8.50 -6.72
CA LEU A 148 2.97 8.79 -7.94
C LEU A 148 1.74 9.65 -7.66
N ALA A 149 1.00 9.38 -6.58
CA ALA A 149 -0.23 10.17 -6.31
C ALA A 149 0.01 11.66 -6.22
N ARG A 150 1.11 12.07 -5.57
CA ARG A 150 1.37 13.48 -5.33
C ARG A 150 2.09 14.12 -6.54
N ALA A 151 3.11 13.44 -7.07
CA ALA A 151 3.78 13.91 -8.28
C ALA A 151 2.74 14.28 -9.30
N PHE A 152 1.76 13.39 -9.49
CA PHE A 152 0.69 13.60 -10.50
C PHE A 152 -0.56 14.34 -10.02
N GLY A 153 -0.60 14.75 -8.76
CA GLY A 153 -1.80 15.42 -8.22
C GLY A 153 -3.08 14.62 -8.43
N VAL A 154 -2.99 13.30 -8.34
CA VAL A 154 -4.16 12.41 -8.45
C VAL A 154 -5.15 12.62 -7.27
N PRO A 155 -6.44 12.85 -7.58
CA PRO A 155 -7.41 13.28 -6.54
C PRO A 155 -7.68 12.23 -5.46
N VAL A 164 -11.81 1.66 -8.88
CA VAL A 164 -11.68 2.36 -7.59
C VAL A 164 -11.78 1.41 -6.34
N THR A 165 -10.67 1.22 -5.62
CA THR A 165 -10.66 0.42 -4.35
C THR A 165 -10.40 1.24 -3.05
N LEU A 166 -11.40 1.21 -2.20
CA LEU A 166 -11.49 2.02 -1.00
C LEU A 166 -11.07 1.28 0.22
N TRP A 167 -10.75 0.02 0.03
CA TRP A 167 -10.71 -0.94 1.09
C TRP A 167 -9.57 -0.63 2.09
N TYR A 168 -8.49 -0.03 1.60
CA TYR A 168 -7.27 0.23 2.40
C TYR A 168 -7.14 1.70 2.78
N ARG A 169 -8.20 2.45 2.58
CA ARG A 169 -8.22 3.90 2.81
C ARG A 169 -8.29 4.29 4.30
N ALA A 170 -7.34 5.11 4.76
CA ALA A 170 -7.34 5.59 6.15
C ALA A 170 -8.60 6.42 6.44
N PRO A 171 -9.13 6.33 7.69
CA PRO A 171 -10.36 7.05 8.05
C PRO A 171 -10.25 8.54 7.87
N GLU A 172 -9.04 9.09 8.05
CA GLU A 172 -8.88 10.54 7.87
C GLU A 172 -9.07 10.98 6.41
N ILE A 173 -8.74 10.14 5.44
CA ILE A 173 -9.01 10.49 4.07
C ILE A 173 -10.52 10.43 3.79
N LEU A 174 -11.18 9.44 4.33
CA LEU A 174 -12.62 9.26 4.10
C LEU A 174 -13.45 10.36 4.79
N LEU A 175 -12.93 10.98 5.83
CA LEU A 175 -13.63 12.04 6.56
C LEU A 175 -13.21 13.46 6.08
N GLY A 176 -12.44 13.50 5.00
CA GLY A 176 -12.21 14.73 4.28
C GLY A 176 -11.00 15.56 4.67
N CYS A 177 -10.00 14.93 5.30
N CYS A 177 -10.00 14.94 5.27
CA CYS A 177 -8.74 15.64 5.58
CA CYS A 177 -8.78 15.67 5.56
C CYS A 177 -8.02 15.87 4.24
C CYS A 177 -7.99 15.87 4.26
N LYS A 178 -7.73 17.14 3.93
CA LYS A 178 -6.99 17.51 2.75
C LYS A 178 -5.50 17.31 2.98
N TYR A 179 -5.02 17.49 4.22
CA TYR A 179 -3.55 17.45 4.50
C TYR A 179 -3.09 16.25 5.32
N TYR A 180 -3.16 15.07 4.72
CA TYR A 180 -2.89 13.85 5.49
C TYR A 180 -1.38 13.51 5.46
N SER A 181 -0.97 12.61 6.35
CA SER A 181 0.43 12.31 6.64
C SER A 181 0.78 10.89 6.23
N THR A 182 2.03 10.52 6.48
CA THR A 182 2.55 9.19 6.26
C THR A 182 1.79 8.15 7.01
N ALA A 183 1.08 8.53 8.04
CA ALA A 183 0.26 7.59 8.77
C ALA A 183 -0.80 6.94 7.89
N VAL A 184 -1.10 7.47 6.71
CA VAL A 184 -2.19 6.88 5.91
C VAL A 184 -1.66 5.57 5.32
N ASP A 185 -0.34 5.46 5.14
CA ASP A 185 0.25 4.22 4.56
C ASP A 185 0.33 3.12 5.59
N ILE A 186 0.67 3.47 6.83
CA ILE A 186 0.60 2.48 7.95
C ILE A 186 -0.83 1.89 8.06
N TRP A 187 -1.85 2.75 8.01
CA TRP A 187 -3.21 2.22 8.04
C TRP A 187 -3.41 1.16 6.95
N SER A 188 -3.17 1.53 5.70
CA SER A 188 -3.28 0.59 4.60
C SER A 188 -2.49 -0.69 4.82
N LEU A 189 -1.27 -0.59 5.33
CA LEU A 189 -0.46 -1.76 5.42
C LEU A 189 -1.07 -2.62 6.51
N GLY A 190 -1.64 -1.94 7.52
CA GLY A 190 -2.34 -2.66 8.58
C GLY A 190 -3.50 -3.47 8.04
N CYS A 191 -4.27 -2.90 7.12
CA CYS A 191 -5.40 -3.66 6.57
C CYS A 191 -4.89 -4.81 5.72
N ILE A 192 -3.72 -4.66 5.11
CA ILE A 192 -3.15 -5.77 4.27
C ILE A 192 -2.60 -6.92 5.14
N PHE A 193 -1.93 -6.58 6.23
CA PHE A 193 -1.43 -7.51 7.25
C PHE A 193 -2.59 -8.40 7.70
N ALA A 194 -3.69 -7.79 8.09
CA ALA A 194 -4.85 -8.57 8.57
C ALA A 194 -5.46 -9.50 7.48
N GLU A 195 -5.45 -9.03 6.24
CA GLU A 195 -5.96 -9.79 5.10
C GLU A 195 -5.07 -11.02 4.77
N MET A 196 -3.76 -10.88 4.85
CA MET A 196 -2.84 -11.99 4.75
C MET A 196 -3.12 -13.10 5.80
N VAL A 197 -3.35 -12.63 7.03
CA VAL A 197 -3.62 -13.51 8.21
C VAL A 197 -4.94 -14.26 8.13
N THR A 198 -6.05 -13.56 7.84
CA THR A 198 -7.39 -14.14 7.84
C THR A 198 -7.88 -14.66 6.53
N ARG A 199 -7.29 -14.17 5.44
CA ARG A 199 -7.63 -14.54 4.08
C ARG A 199 -8.99 -13.95 3.68
N ARG A 200 -9.36 -12.84 4.28
CA ARG A 200 -10.47 -12.03 3.84
C ARG A 200 -10.10 -10.54 3.97
N ALA A 201 -10.57 -9.68 3.06
CA ALA A 201 -10.32 -8.28 3.23
C ALA A 201 -10.97 -7.83 4.54
N LEU A 202 -10.27 -6.98 5.29
CA LEU A 202 -10.71 -6.49 6.60
C LEU A 202 -11.89 -5.55 6.54
N PHE A 203 -11.85 -4.61 5.61
CA PHE A 203 -12.89 -3.59 5.42
C PHE A 203 -13.29 -3.49 3.94
N PRO A 204 -14.09 -4.46 3.44
CA PRO A 204 -14.37 -4.46 2.02
C PRO A 204 -15.59 -3.56 1.61
N GLY A 205 -15.37 -2.24 1.63
CA GLY A 205 -16.43 -1.26 1.38
C GLY A 205 -16.75 -1.21 -0.10
N ASP A 206 -18.02 -1.03 -0.41
CA ASP A 206 -18.46 -0.82 -1.79
C ASP A 206 -18.83 0.64 -2.11
N SER A 207 -18.74 1.51 -1.12
CA SER A 207 -18.85 2.95 -1.30
C SER A 207 -18.08 3.59 -0.17
N GLU A 208 -17.89 4.89 -0.23
CA GLU A 208 -17.20 5.60 0.83
C GLU A 208 -17.88 5.51 2.17
N ILE A 209 -19.21 5.65 2.23
CA ILE A 209 -19.89 5.60 3.49
C ILE A 209 -19.85 4.17 4.00
N ASP A 210 -19.98 3.21 3.10
CA ASP A 210 -19.93 1.84 3.52
C ASP A 210 -18.52 1.44 4.05
N GLN A 211 -17.49 2.00 3.44
CA GLN A 211 -16.12 1.85 3.93
C GLN A 211 -15.98 2.40 5.33
N LEU A 212 -16.43 3.65 5.53
CA LEU A 212 -16.39 4.29 6.83
C LEU A 212 -17.13 3.47 7.90
N PHE A 213 -18.37 3.11 7.57
CA PHE A 213 -19.21 2.38 8.45
C PHE A 213 -18.68 0.97 8.75
N ARG A 214 -18.07 0.28 7.78
CA ARG A 214 -17.37 -0.98 8.12
C ARG A 214 -16.20 -0.76 9.11
N ILE A 215 -15.44 0.30 8.93
CA ILE A 215 -14.43 0.66 9.94
C ILE A 215 -15.08 0.89 11.31
N PHE A 216 -16.10 1.74 11.39
CA PHE A 216 -16.75 2.05 12.69
C PHE A 216 -17.33 0.80 13.36
N ARG A 217 -17.92 -0.12 12.58
CA ARG A 217 -18.56 -1.31 13.17
C ARG A 217 -17.54 -2.22 13.83
N THR A 218 -16.30 -2.21 13.31
CA THR A 218 -15.21 -3.05 13.85
C THR A 218 -14.42 -2.34 14.95
N LEU A 219 -13.97 -1.12 14.68
CA LEU A 219 -13.08 -0.42 15.63
C LEU A 219 -13.81 0.51 16.63
N GLY A 220 -15.13 0.68 16.46
CA GLY A 220 -15.94 1.59 17.21
C GLY A 220 -16.12 2.87 16.46
N THR A 221 -17.27 3.53 16.60
CA THR A 221 -17.41 4.86 16.05
C THR A 221 -16.43 5.81 16.76
N PRO A 222 -15.58 6.51 16.01
CA PRO A 222 -14.64 7.39 16.70
C PRO A 222 -15.39 8.60 17.29
N ASP A 223 -14.76 9.19 18.31
CA ASP A 223 -15.25 10.33 18.97
C ASP A 223 -14.09 11.16 19.49
N GLU A 224 -14.41 12.23 20.21
CA GLU A 224 -13.40 13.16 20.71
C GLU A 224 -12.43 12.57 21.70
N VAL A 225 -12.86 11.53 22.38
CA VAL A 225 -12.04 10.86 23.36
C VAL A 225 -10.92 10.07 22.70
N VAL A 226 -11.22 9.27 21.69
CA VAL A 226 -10.14 8.49 21.04
C VAL A 226 -9.41 9.26 19.93
N TRP A 227 -10.07 10.29 19.39
CA TRP A 227 -9.58 11.08 18.24
C TRP A 227 -9.96 12.55 18.37
N PRO A 228 -9.16 13.34 19.14
CA PRO A 228 -9.41 14.76 19.31
C PRO A 228 -9.47 15.45 17.95
N GLY A 229 -10.52 16.19 17.72
CA GLY A 229 -10.67 16.88 16.46
C GLY A 229 -11.56 16.15 15.48
N VAL A 230 -11.88 14.89 15.74
CA VAL A 230 -12.62 14.11 14.73
C VAL A 230 -13.97 14.69 14.34
N THR A 231 -14.67 15.27 15.31
CA THR A 231 -16.04 15.73 15.05
C THR A 231 -16.09 17.05 14.29
N SER A 232 -14.93 17.67 14.05
CA SER A 232 -14.85 18.89 13.27
C SER A 232 -14.30 18.64 11.88
N MET A 233 -14.01 17.39 11.56
CA MET A 233 -13.52 17.07 10.21
C MET A 233 -14.58 17.30 9.14
N PRO A 234 -14.14 17.62 7.93
CA PRO A 234 -15.05 18.06 6.89
C PRO A 234 -16.25 17.17 6.62
N ASP A 235 -16.08 15.86 6.60
CA ASP A 235 -17.20 14.96 6.29
C ASP A 235 -17.69 14.20 7.52
N TYR A 236 -17.32 14.66 8.71
CA TYR A 236 -17.86 14.07 9.92
C TYR A 236 -19.31 14.55 10.08
N LYS A 237 -20.22 13.65 10.45
CA LYS A 237 -21.62 14.02 10.61
C LYS A 237 -21.97 13.59 12.03
N PRO A 238 -22.58 14.49 12.79
CA PRO A 238 -23.01 14.05 14.14
C PRO A 238 -24.00 12.93 14.05
N SER A 239 -24.75 12.88 12.97
CA SER A 239 -25.68 11.76 12.73
C SER A 239 -25.07 10.36 12.41
N PHE A 240 -23.74 10.20 12.35
CA PHE A 240 -23.13 8.84 12.24
C PHE A 240 -23.70 7.92 13.32
N PRO A 241 -24.05 6.66 12.98
CA PRO A 241 -24.41 5.75 14.10
C PRO A 241 -23.24 5.49 15.03
N LYS A 242 -23.56 5.10 16.27
CA LYS A 242 -22.55 4.86 17.28
C LYS A 242 -22.46 3.37 17.51
N TRP A 243 -21.44 2.74 16.94
CA TRP A 243 -21.15 1.33 17.16
C TRP A 243 -20.04 1.20 18.15
N ALA A 244 -20.08 0.09 18.89
CA ALA A 244 -19.06 -0.24 19.88
C ALA A 244 -17.93 -1.08 19.25
N ARG A 245 -16.72 -0.89 19.75
CA ARG A 245 -15.54 -1.52 19.23
C ARG A 245 -15.54 -3.01 19.59
N GLN A 246 -14.95 -3.82 18.71
CA GLN A 246 -14.88 -5.27 18.85
C GLN A 246 -13.48 -5.69 19.25
N ASP A 247 -13.35 -6.92 19.78
CA ASP A 247 -12.04 -7.48 20.16
C ASP A 247 -11.29 -7.93 18.93
N PHE A 248 -10.00 -7.63 18.88
CA PHE A 248 -9.13 -8.06 17.80
C PHE A 248 -8.99 -9.56 17.74
N SER A 249 -9.11 -10.18 18.92
CA SER A 249 -9.20 -11.61 19.00
C SER A 249 -10.38 -12.11 18.09
N LYS A 250 -11.45 -11.34 17.97
CA LYS A 250 -12.52 -11.69 17.01
C LYS A 250 -12.19 -11.29 15.56
N VAL A 251 -11.38 -10.26 15.37
CA VAL A 251 -11.14 -9.70 14.04
C VAL A 251 -10.08 -10.47 13.31
N VAL A 252 -8.97 -10.74 13.97
CA VAL A 252 -7.89 -11.42 13.30
C VAL A 252 -7.50 -12.76 13.95
N PRO A 253 -8.48 -13.64 14.26
CA PRO A 253 -8.00 -14.97 14.61
C PRO A 253 -7.33 -15.56 13.37
N PRO A 254 -6.21 -16.25 13.54
CA PRO A 254 -5.56 -16.63 14.75
C PRO A 254 -4.18 -15.97 14.84
N LEU A 255 -4.17 -14.66 14.77
CA LEU A 255 -2.94 -13.92 14.94
C LEU A 255 -2.58 -13.90 16.42
N ASP A 256 -1.29 -14.05 16.75
CA ASP A 256 -0.92 -14.00 18.16
C ASP A 256 -1.04 -12.59 18.82
N GLU A 257 -0.96 -12.55 20.14
CA GLU A 257 -1.12 -11.29 20.87
C GLU A 257 -0.10 -10.24 20.42
N ASP A 258 1.13 -10.66 20.10
CA ASP A 258 2.10 -9.69 19.61
C ASP A 258 1.60 -9.04 18.30
N GLY A 259 1.23 -9.89 17.34
CA GLY A 259 0.66 -9.41 16.09
C GLY A 259 -0.59 -8.58 16.26
N ARG A 260 -1.46 -8.93 17.19
CA ARG A 260 -2.69 -8.11 17.45
C ARG A 260 -2.38 -6.76 18.07
N SER A 261 -1.46 -6.74 19.01
CA SER A 261 -0.95 -5.51 19.57
C SER A 261 -0.40 -4.59 18.46
N LEU A 262 0.48 -5.11 17.61
CA LEU A 262 1.01 -4.27 16.50
C LEU A 262 -0.06 -3.81 15.52
N LEU A 263 -0.94 -4.72 15.12
CA LEU A 263 -2.07 -4.32 14.26
C LEU A 263 -2.90 -3.18 14.88
N SER A 264 -3.31 -3.29 16.15
CA SER A 264 -4.13 -2.19 16.76
C SER A 264 -3.40 -0.86 16.75
N GLN A 265 -2.09 -0.86 16.92
CA GLN A 265 -1.35 0.38 16.84
C GLN A 265 -1.25 0.91 15.38
N MET A 266 -1.22 -0.01 14.41
CA MET A 266 -1.32 0.37 12.99
C MET A 266 -2.71 0.85 12.64
N LEU A 267 -3.73 0.46 13.42
CA LEU A 267 -5.13 0.90 13.12
C LEU A 267 -5.72 1.90 14.09
N HIS A 268 -4.86 2.67 14.77
CA HIS A 268 -5.36 3.80 15.57
C HIS A 268 -6.07 4.84 14.70
N TYR A 269 -7.21 5.28 15.20
CA TYR A 269 -7.98 6.32 14.50
C TYR A 269 -7.18 7.61 14.36
N ASP A 270 -6.60 8.06 15.46
CA ASP A 270 -5.91 9.36 15.48
C ASP A 270 -4.61 9.21 14.75
N PRO A 271 -4.43 9.85 13.60
CA PRO A 271 -3.17 9.65 12.84
C PRO A 271 -1.91 9.98 13.65
N ASN A 272 -2.03 10.86 14.65
CA ASN A 272 -0.89 11.17 15.51
C ASN A 272 -0.58 10.10 16.55
N LYS A 273 -1.54 9.24 16.89
CA LYS A 273 -1.27 8.14 17.77
C LYS A 273 -0.85 6.87 16.94
N ARG A 274 -1.18 6.82 15.66
CA ARG A 274 -0.91 5.62 14.84
C ARG A 274 0.62 5.40 14.81
N ILE A 275 1.04 4.17 15.06
CA ILE A 275 2.47 3.83 15.06
C ILE A 275 3.22 4.28 13.77
N SER A 276 4.49 4.71 13.91
CA SER A 276 5.26 5.03 12.75
C SER A 276 5.80 3.71 12.25
N ALA A 277 6.26 3.72 11.01
CA ALA A 277 6.90 2.57 10.43
C ALA A 277 8.19 2.24 11.18
N LYS A 278 8.96 3.28 11.49
CA LYS A 278 10.16 3.13 12.35
C LYS A 278 9.88 2.45 13.69
N ALA A 279 8.91 2.96 14.45
CA ALA A 279 8.60 2.37 15.74
C ALA A 279 8.07 0.92 15.54
N ALA A 280 7.34 0.68 14.43
CA ALA A 280 6.76 -0.61 14.21
C ALA A 280 7.85 -1.64 14.00
N LEU A 281 8.94 -1.24 13.32
CA LEU A 281 10.07 -2.15 13.11
C LEU A 281 10.67 -2.71 14.43
N ALA A 282 10.45 -1.99 15.52
CA ALA A 282 10.98 -2.36 16.81
C ALA A 282 9.97 -3.09 17.64
N HIS A 283 8.74 -3.24 17.16
CA HIS A 283 7.73 -3.95 17.92
C HIS A 283 8.15 -5.42 18.21
N PRO A 284 7.80 -5.95 19.39
CA PRO A 284 8.25 -7.27 19.74
C PRO A 284 7.75 -8.34 18.79
N PHE A 285 6.67 -8.12 18.05
CA PHE A 285 6.24 -9.03 16.99
C PHE A 285 7.40 -9.45 16.08
N PHE A 286 8.37 -8.55 15.87
CA PHE A 286 9.46 -8.83 14.97
C PHE A 286 10.72 -9.40 15.57
N GLN A 287 10.64 -9.83 16.83
CA GLN A 287 11.81 -10.38 17.56
C GLN A 287 12.35 -11.66 16.87
N ASP A 288 11.48 -12.53 16.34
CA ASP A 288 11.95 -13.78 15.68
C ASP A 288 11.78 -13.75 14.15
N VAL A 289 11.78 -12.56 13.56
CA VAL A 289 11.60 -12.47 12.11
C VAL A 289 12.74 -13.14 11.36
N THR A 290 12.40 -13.71 10.21
CA THR A 290 13.31 -14.41 9.36
C THR A 290 12.91 -14.12 7.93
N LYS A 291 13.57 -14.75 6.96
CA LYS A 291 13.23 -14.47 5.60
C LYS A 291 12.99 -15.72 4.79
N PRO A 292 11.79 -16.29 4.97
CA PRO A 292 11.49 -17.51 4.24
C PRO A 292 11.46 -17.25 2.75
N VAL A 293 11.56 -18.29 1.93
CA VAL A 293 11.25 -18.08 0.54
C VAL A 293 9.86 -18.63 0.20
N PRO A 294 9.10 -17.90 -0.60
CA PRO A 294 7.78 -18.45 -0.90
C PRO A 294 7.85 -19.54 -1.98
N HIS A 295 6.79 -20.34 -2.07
CA HIS A 295 6.56 -21.21 -3.23
C HIS A 295 5.71 -20.45 -4.27
N LEU A 296 6.38 -19.92 -5.30
CA LEU A 296 5.74 -19.14 -6.33
C LEU A 296 5.54 -20.00 -7.52
N ARG A 297 4.32 -20.02 -8.00
CA ARG A 297 4.06 -20.66 -9.25
C ARG A 297 3.96 -19.54 -10.29
N LEU A 298 4.93 -19.47 -11.20
CA LEU A 298 4.97 -18.41 -12.24
C LEU A 298 4.39 -18.86 -13.60
C5 6AF B . 5.17 -6.03 -11.99
C7 6AF B . 6.72 -4.30 -11.82
C10 6AF B . 4.02 -9.40 -12.32
C13 6AF B . 1.56 -8.43 -11.51
C20 6AF B . -2.37 -11.11 -12.44
C22 6AF B . 2.05 -3.45 -11.31
C26 6AF B . 1.34 -3.84 -12.60
C19 6AF B . -1.51 -10.72 -13.67
C18 6AF B . -1.16 -10.16 -12.28
S15 6AF B . 0.39 -10.89 -11.68
N16 6AF B . 0.21 -11.24 -10.11
O17 6AF B . 0.61 -12.15 -12.45
C12 6AF B . 1.71 -9.78 -11.84
C14 6AF B . 2.65 -7.55 -11.60
C11 6AF B . 2.94 -10.26 -12.26
C9 6AF B . 3.90 -8.05 -12.01
N8 6AF B . 5.02 -7.33 -12.14
N4 6AF B . 4.13 -5.19 -11.94
N6 6AF B . 6.42 -5.56 -11.93
C2 6AF B . 5.65 -3.43 -11.77
BR1 6AF B . 5.89 -1.56 -11.52
C3 6AF B . 4.35 -3.88 -11.81
O21 6AF B . 3.36 -2.94 -11.69
C23 6AF B . 1.30 -2.44 -10.35
C25 6AF B . 2.11 -2.15 -9.08
O24 6AF B . 0.93 -1.41 -11.35
#